data_8D8X
#
_entry.id   8D8X
#
_cell.length_a   82.339
_cell.length_b   110.259
_cell.length_c   84.418
_cell.angle_alpha   90.000
_cell.angle_beta   90.000
_cell.angle_gamma   90.000
#
_symmetry.space_group_name_H-M   'C 2 2 21'
#
loop_
_entity.id
_entity.type
_entity.pdbx_description
1 polymer ChoE
2 non-polymer 'ACETATE ION'
3 non-polymer '2-(TRIMETHYLAMMONIUM)ETHYL THIOL'
4 non-polymer GLYCEROL
5 non-polymer 'CHLORIDE ION'
6 non-polymer 'HEXAETHYLENE GLYCOL'
7 water water
#
_entity_poly.entity_id   1
_entity_poly.type   'polypeptide(L)'
_entity_poly.pdbx_seq_one_letter_code
;HTSPLLAPVRQIHAFGDSYSDNGESQRLTREMLAKGIAGAQALPGEVYWQGRWSNGPTAVEVLARQLGAQLADHAVGGAK
SGADNYYGWMSAYRHTGLAGQVDAYLATLDGKPVDGQALHFIFVSANDFFEHEDFAGEQPLEQLAGSSVANIRAAVQRLG
EAGARRFLVVSSTDLSVVPAVVAGNRVERAQRYLQAVNASLPIQLAALRKTRGLELSWFDHLTFSRHLRRNPARYGLVEL
DAPCQPTQPSVRPACANPDQYYFWDEWHPTRRVHQLAGEAMAARYAR
;
_entity_poly.pdbx_strand_id   A
#
loop_
_chem_comp.id
_chem_comp.type
_chem_comp.name
_chem_comp.formula
ACT non-polymer 'ACETATE ION' 'C2 H3 O2 -1'
CL non-polymer 'CHLORIDE ION' 'Cl -1'
ETM non-polymer '2-(TRIMETHYLAMMONIUM)ETHYL THIOL' 'C5 H14 N S 1'
GOL non-polymer GLYCEROL 'C3 H8 O3'
P6G non-polymer 'HEXAETHYLENE GLYCOL' 'C12 H26 O7'
#
# COMPACT_ATOMS: atom_id res chain seq x y z
N HIS A 1 18.92 13.36 -15.95
CA HIS A 1 17.96 14.13 -16.84
C HIS A 1 16.59 13.47 -16.79
N THR A 2 15.51 14.23 -16.56
CA THR A 2 14.13 13.69 -16.46
C THR A 2 13.66 13.14 -17.81
N SER A 3 12.71 12.21 -17.73
CA SER A 3 12.03 11.62 -18.90
C SER A 3 10.81 12.46 -19.26
N PRO A 4 10.23 12.26 -20.46
CA PRO A 4 8.92 12.85 -20.76
C PRO A 4 7.87 12.53 -19.73
N LEU A 5 7.02 13.47 -19.41
CA LEU A 5 5.86 13.20 -18.56
C LEU A 5 4.96 12.20 -19.25
N LEU A 6 4.35 11.32 -18.47
CA LEU A 6 3.31 10.41 -18.96
C LEU A 6 2.03 11.15 -19.21
N ALA A 7 1.14 10.51 -19.92
CA ALA A 7 -0.15 11.11 -20.29
C ALA A 7 -1.00 11.44 -19.09
N PRO A 8 -1.91 12.42 -19.17
CA PRO A 8 -2.85 12.74 -18.11
C PRO A 8 -3.63 11.48 -17.67
N VAL A 9 -4.07 11.54 -16.45
CA VAL A 9 -4.90 10.47 -15.85
C VAL A 9 -6.20 11.07 -15.37
N ARG A 10 -7.32 10.44 -15.71
CA ARG A 10 -8.62 10.89 -15.23
C ARG A 10 -9.35 9.85 -14.41
N GLN A 11 -8.81 8.63 -14.33
CA GLN A 11 -9.39 7.57 -13.48
C GLN A 11 -8.22 6.73 -12.94
N ILE A 12 -8.25 6.54 -11.64
CA ILE A 12 -7.34 5.56 -10.98
C ILE A 12 -8.13 4.44 -10.38
N HIS A 13 -7.66 3.21 -10.59
CA HIS A 13 -8.14 2.03 -9.83
C HIS A 13 -6.98 1.62 -8.95
N ALA A 14 -7.15 1.69 -7.65
CA ALA A 14 -6.07 1.42 -6.69
C ALA A 14 -6.28 0.08 -6.01
N PHE A 15 -5.22 -0.66 -5.89
CA PHE A 15 -5.24 -2.00 -5.29
C PHE A 15 -4.13 -2.05 -4.26
N GLY A 16 -4.38 -2.57 -3.07
CA GLY A 16 -3.32 -2.56 -2.08
C GLY A 16 -3.84 -2.70 -0.67
N ASP A 17 -3.13 -2.11 0.25
CA ASP A 17 -3.25 -2.38 1.70
C ASP A 17 -3.53 -1.07 2.45
N SER A 18 -3.18 -1.02 3.70
CA SER A 18 -3.44 0.16 4.57
CA SER A 18 -3.51 0.17 4.53
C SER A 18 -2.69 1.38 4.11
N TYR A 19 -1.66 1.26 3.30
CA TYR A 19 -0.97 2.44 2.82
C TYR A 19 -1.80 3.12 1.73
N SER A 20 -2.90 2.53 1.25
CA SER A 20 -3.77 3.09 0.20
C SER A 20 -5.23 3.19 0.63
N ASP A 21 -5.72 2.26 1.46
CA ASP A 21 -7.17 2.16 1.80
C ASP A 21 -7.71 3.54 2.17
N ASN A 22 -8.84 3.92 1.55
CA ASN A 22 -9.52 5.19 1.87
C ASN A 22 -10.90 4.91 2.45
N GLY A 23 -11.14 3.69 2.92
CA GLY A 23 -12.40 3.42 3.61
C GLY A 23 -12.92 2.03 3.39
N GLU A 24 -12.32 1.17 2.55
CA GLU A 24 -12.86 -0.17 2.35
C GLU A 24 -12.75 -1.03 3.59
N SER A 25 -11.67 -1.06 4.36
CA SER A 25 -11.64 -1.92 5.56
C SER A 25 -12.77 -1.45 6.51
N GLN A 26 -13.04 -0.17 6.58
CA GLN A 26 -14.13 0.31 7.47
C GLN A 26 -15.47 -0.18 6.94
N ARG A 27 -15.73 -0.01 5.66
CA ARG A 27 -17.03 -0.44 5.09
C ARG A 27 -17.20 -1.94 5.29
N LEU A 28 -16.16 -2.72 4.99
CA LEU A 28 -16.25 -4.20 5.03
CA LEU A 28 -16.22 -4.19 5.04
C LEU A 28 -16.41 -4.69 6.46
N THR A 29 -15.69 -4.14 7.41
CA THR A 29 -15.72 -4.64 8.79
C THR A 29 -17.07 -4.18 9.41
N ARG A 30 -17.63 -3.06 9.03
CA ARG A 30 -18.99 -2.75 9.57
C ARG A 30 -19.95 -3.79 9.02
N GLU A 31 -19.81 -4.16 7.76
CA GLU A 31 -20.71 -5.20 7.18
C GLU A 31 -20.55 -6.51 7.93
N MET A 32 -19.32 -6.91 8.22
CA MET A 32 -18.99 -8.20 8.86
C MET A 32 -19.61 -8.18 10.27
N LEU A 33 -19.54 -7.04 10.93
CA LEU A 33 -20.07 -6.97 12.33
C LEU A 33 -21.59 -7.05 12.28
N ALA A 34 -22.21 -6.40 11.31
CA ALA A 34 -23.69 -6.35 11.19
C ALA A 34 -24.24 -7.76 10.91
N LYS A 35 -23.46 -8.63 10.28
CA LYS A 35 -23.82 -10.03 9.93
C LYS A 35 -23.30 -11.04 10.97
N GLY A 36 -22.66 -10.57 12.03
CA GLY A 36 -22.10 -11.40 13.10
C GLY A 36 -21.03 -12.36 12.61
N ILE A 37 -20.21 -11.97 11.62
CA ILE A 37 -19.06 -12.82 11.23
C ILE A 37 -18.15 -12.99 12.44
N ALA A 38 -17.69 -14.21 12.72
CA ALA A 38 -16.80 -14.59 13.84
C ALA A 38 -15.50 -13.83 13.72
N GLY A 39 -15.12 -13.17 14.82
CA GLY A 39 -13.76 -12.60 14.99
C GLY A 39 -13.70 -11.17 14.48
N ALA A 40 -14.77 -10.67 13.87
CA ALA A 40 -14.80 -9.35 13.18
C ALA A 40 -14.51 -8.28 14.22
N GLN A 41 -13.67 -7.31 13.84
CA GLN A 41 -13.34 -6.11 14.65
C GLN A 41 -13.60 -4.89 13.77
N ALA A 42 -13.95 -3.77 14.35
CA ALA A 42 -14.19 -2.53 13.61
C ALA A 42 -12.84 -1.96 13.25
N LEU A 43 -12.50 -1.97 11.97
CA LEU A 43 -11.20 -1.41 11.54
C LEU A 43 -11.44 -0.15 10.74
N PRO A 44 -10.44 0.77 10.69
CA PRO A 44 -9.18 0.70 11.43
C PRO A 44 -9.25 0.99 12.93
N GLY A 45 -10.25 1.78 13.29
CA GLY A 45 -10.56 2.05 14.70
C GLY A 45 -10.55 3.53 15.03
N GLU A 46 -10.67 3.78 16.33
CA GLU A 46 -11.07 5.10 16.84
C GLU A 46 -9.89 6.09 16.93
N VAL A 47 -8.65 5.68 16.64
CA VAL A 47 -7.54 6.65 16.62
C VAL A 47 -7.13 6.94 15.17
N TYR A 48 -8.01 6.68 14.22
CA TYR A 48 -7.72 6.87 12.78
C TYR A 48 -8.74 7.77 12.15
N TRP A 49 -8.34 8.51 11.13
CA TRP A 49 -9.14 9.52 10.44
C TRP A 49 -9.99 8.90 9.36
N GLN A 50 -11.34 9.03 9.46
CA GLN A 50 -12.25 8.78 8.34
C GLN A 50 -11.98 7.43 7.66
N GLY A 51 -11.68 6.40 8.40
CA GLY A 51 -11.49 5.04 7.85
C GLY A 51 -10.11 4.87 7.21
N ARG A 52 -9.29 5.89 7.17
CA ARG A 52 -7.88 5.71 6.67
C ARG A 52 -7.05 5.23 7.84
N TRP A 53 -6.04 4.42 7.59
CA TRP A 53 -5.08 3.95 8.60
C TRP A 53 -3.99 5.02 8.80
N SER A 54 -4.40 6.26 9.07
CA SER A 54 -3.51 7.42 9.22
C SER A 54 -4.34 8.52 9.83
N ASN A 55 -3.80 9.71 9.83
CA ASN A 55 -4.53 10.91 10.34
C ASN A 55 -5.02 11.76 9.18
N GLY A 56 -4.96 11.27 7.94
CA GLY A 56 -5.38 11.99 6.76
C GLY A 56 -5.34 11.11 5.52
N PRO A 57 -5.56 11.73 4.35
CA PRO A 57 -5.61 10.98 3.10
C PRO A 57 -4.33 10.18 2.82
N THR A 58 -4.51 9.04 2.19
CA THR A 58 -3.36 8.22 1.79
C THR A 58 -2.71 8.77 0.53
N ALA A 59 -1.51 8.26 0.20
CA ALA A 59 -0.75 8.76 -0.95
C ALA A 59 -1.57 8.68 -2.22
N VAL A 60 -2.27 7.57 -2.47
CA VAL A 60 -2.97 7.48 -3.75
C VAL A 60 -4.10 8.52 -3.81
N GLU A 61 -4.68 8.89 -2.69
CA GLU A 61 -5.73 9.94 -2.73
C GLU A 61 -5.08 11.27 -3.10
N VAL A 62 -3.88 11.54 -2.63
CA VAL A 62 -3.14 12.78 -2.96
C VAL A 62 -2.75 12.73 -4.43
N LEU A 63 -2.29 11.58 -4.92
CA LEU A 63 -1.93 11.38 -6.35
C LEU A 63 -3.16 11.69 -7.20
N ALA A 64 -4.33 11.18 -6.85
CA ALA A 64 -5.54 11.46 -7.64
C ALA A 64 -5.86 12.95 -7.61
N ARG A 65 -5.75 13.61 -6.48
CA ARG A 65 -6.05 15.07 -6.41
C ARG A 65 -5.03 15.82 -7.26
N GLN A 66 -3.77 15.49 -7.21
CA GLN A 66 -2.72 16.19 -7.96
C GLN A 66 -2.96 16.02 -9.45
N LEU A 67 -3.46 14.88 -9.90
CA LEU A 67 -3.60 14.59 -11.34
C LEU A 67 -4.97 15.04 -11.84
N GLY A 68 -5.91 15.39 -10.99
CA GLY A 68 -7.29 15.68 -11.43
C GLY A 68 -8.02 14.43 -11.84
N ALA A 69 -7.79 13.31 -11.15
CA ALA A 69 -8.38 12.01 -11.48
C ALA A 69 -9.42 11.60 -10.46
N GLN A 70 -10.43 10.89 -10.89
CA GLN A 70 -11.36 10.17 -10.00
CA GLN A 70 -11.38 10.15 -10.02
C GLN A 70 -10.61 8.95 -9.45
N LEU A 71 -10.95 8.57 -8.24
CA LEU A 71 -10.26 7.41 -7.60
C LEU A 71 -11.31 6.36 -7.20
N ALA A 72 -11.12 5.15 -7.65
CA ALA A 72 -11.82 3.97 -7.19
C ALA A 72 -10.79 3.19 -6.38
N ASP A 73 -10.87 3.25 -5.07
CA ASP A 73 -9.82 2.71 -4.16
C ASP A 73 -10.26 1.38 -3.60
N HIS A 74 -9.79 0.31 -4.18
CA HIS A 74 -10.11 -1.08 -3.83
C HIS A 74 -9.29 -1.58 -2.66
N ALA A 75 -8.25 -0.85 -2.25
CA ALA A 75 -7.30 -1.32 -1.24
C ALA A 75 -7.97 -1.58 0.08
N VAL A 76 -7.53 -2.59 0.80
CA VAL A 76 -8.09 -2.98 2.11
C VAL A 76 -6.94 -3.11 3.08
N GLY A 77 -7.02 -2.44 4.21
CA GLY A 77 -6.05 -2.63 5.28
C GLY A 77 -5.84 -4.09 5.60
N GLY A 78 -4.60 -4.49 5.78
CA GLY A 78 -4.26 -5.89 6.03
C GLY A 78 -4.00 -6.69 4.77
N ALA A 79 -4.35 -6.21 3.57
CA ALA A 79 -4.27 -7.04 2.37
C ALA A 79 -2.87 -7.59 2.15
N LYS A 80 -2.79 -8.86 1.83
CA LYS A 80 -1.53 -9.45 1.37
C LYS A 80 -1.48 -9.41 -0.16
N SER A 81 -0.38 -9.85 -0.74
CA SER A 81 -0.25 -9.84 -2.20
C SER A 81 -1.06 -10.93 -2.86
N GLY A 82 -1.42 -11.99 -2.17
CA GLY A 82 -2.27 -13.07 -2.71
C GLY A 82 -3.74 -12.83 -2.45
N ALA A 83 -4.49 -13.88 -2.14
CA ALA A 83 -5.94 -13.81 -2.03
C ALA A 83 -6.43 -13.12 -0.76
N ASP A 84 -5.71 -13.27 0.33
CA ASP A 84 -6.28 -13.01 1.66
C ASP A 84 -5.57 -11.89 2.41
N ASN A 85 -5.88 -11.79 3.70
CA ASN A 85 -5.58 -10.62 4.54
C ASN A 85 -4.80 -11.06 5.76
N TYR A 86 -3.97 -10.21 6.33
CA TYR A 86 -3.38 -10.37 7.65
C TYR A 86 -4.47 -10.79 8.62
N TYR A 87 -5.65 -10.25 8.53
CA TYR A 87 -6.79 -10.60 9.41
C TYR A 87 -7.44 -11.85 8.83
N GLY A 88 -7.09 -13.00 9.38
CA GLY A 88 -7.53 -14.30 8.85
C GLY A 88 -9.03 -14.49 8.92
N TRP A 89 -9.67 -13.85 9.88
CA TRP A 89 -11.13 -13.90 10.07
C TRP A 89 -11.90 -13.26 8.93
N MET A 90 -11.27 -12.42 8.09
CA MET A 90 -11.97 -11.89 6.92
C MET A 90 -12.22 -12.98 5.84
N SER A 91 -11.39 -14.02 5.76
CA SER A 91 -11.36 -14.97 4.60
C SER A 91 -12.72 -15.63 4.43
N ALA A 92 -13.43 -15.87 5.54
CA ALA A 92 -14.69 -16.64 5.46
C ALA A 92 -15.75 -15.76 4.82
N TYR A 93 -15.52 -14.44 4.76
CA TYR A 93 -16.52 -13.47 4.28
C TYR A 93 -16.11 -12.97 2.89
N ARG A 94 -14.83 -12.55 2.73
CA ARG A 94 -14.37 -11.92 1.46
CA ARG A 94 -14.37 -11.92 1.47
C ARG A 94 -12.85 -12.11 1.36
N HIS A 95 -12.38 -12.38 0.16
CA HIS A 95 -10.93 -12.45 -0.15
C HIS A 95 -10.47 -11.04 -0.53
N THR A 96 -9.73 -10.42 0.41
CA THR A 96 -9.42 -8.98 0.34
C THR A 96 -7.94 -8.74 0.06
N GLY A 97 -7.15 -9.74 -0.25
CA GLY A 97 -5.78 -9.57 -0.72
C GLY A 97 -5.81 -8.98 -2.12
N LEU A 98 -4.65 -8.59 -2.64
CA LEU A 98 -4.57 -8.05 -3.99
C LEU A 98 -5.29 -8.96 -4.99
N ALA A 99 -5.09 -10.26 -4.92
CA ALA A 99 -5.67 -11.16 -5.95
C ALA A 99 -7.21 -11.09 -5.84
N GLY A 100 -7.73 -11.01 -4.62
CA GLY A 100 -9.16 -10.89 -4.39
C GLY A 100 -9.72 -9.57 -4.84
N GLN A 101 -8.97 -8.48 -4.66
CA GLN A 101 -9.38 -7.15 -5.13
C GLN A 101 -9.46 -7.17 -6.66
N VAL A 102 -8.47 -7.73 -7.29
CA VAL A 102 -8.49 -7.84 -8.78
C VAL A 102 -9.72 -8.67 -9.19
N ASP A 103 -9.97 -9.78 -8.53
CA ASP A 103 -11.13 -10.65 -8.90
C ASP A 103 -12.39 -9.83 -8.79
N ALA A 104 -12.54 -9.11 -7.72
CA ALA A 104 -13.81 -8.41 -7.47
C ALA A 104 -13.98 -7.29 -8.49
N TYR A 105 -12.89 -6.59 -8.84
CA TYR A 105 -12.90 -5.49 -9.82
C TYR A 105 -13.30 -6.04 -11.20
N LEU A 106 -12.78 -7.16 -11.59
CA LEU A 106 -13.08 -7.79 -12.91
C LEU A 106 -14.50 -8.36 -12.88
N ALA A 107 -14.96 -8.88 -11.74
CA ALA A 107 -16.36 -9.39 -11.61
C ALA A 107 -17.38 -8.26 -11.66
N THR A 108 -17.07 -7.08 -11.18
CA THR A 108 -17.97 -5.90 -11.11
C THR A 108 -18.10 -5.25 -12.50
N LEU A 109 -17.11 -5.44 -13.36
CA LEU A 109 -17.24 -5.18 -14.82
C LEU A 109 -17.98 -6.42 -15.34
N ASP A 110 -18.89 -6.27 -16.29
CA ASP A 110 -19.72 -7.41 -16.79
C ASP A 110 -18.78 -8.46 -17.41
N GLY A 111 -18.82 -8.67 -18.72
CA GLY A 111 -17.66 -9.07 -19.53
C GLY A 111 -16.99 -7.81 -20.02
N LYS A 112 -17.35 -6.69 -19.36
CA LYS A 112 -17.20 -5.28 -19.81
C LYS A 112 -15.71 -4.95 -19.91
N PRO A 113 -15.40 -3.81 -20.58
CA PRO A 113 -14.08 -3.46 -21.07
C PRO A 113 -13.40 -2.66 -19.96
N VAL A 114 -12.21 -3.09 -19.54
CA VAL A 114 -11.32 -2.24 -18.72
C VAL A 114 -10.97 -1.00 -19.54
N ASP A 115 -10.97 0.15 -18.89
CA ASP A 115 -10.54 1.43 -19.49
C ASP A 115 -9.03 1.39 -19.72
N GLY A 116 -8.57 1.30 -20.97
CA GLY A 116 -7.14 1.34 -21.29
C GLY A 116 -6.46 2.66 -20.95
N GLN A 117 -7.17 3.75 -20.57
CA GLN A 117 -6.54 5.01 -20.14
C GLN A 117 -6.47 5.15 -18.63
N ALA A 118 -7.19 4.27 -17.91
CA ALA A 118 -7.18 4.35 -16.43
C ALA A 118 -5.85 3.88 -15.89
N LEU A 119 -5.43 4.49 -14.82
CA LEU A 119 -4.17 4.10 -14.15
C LEU A 119 -4.51 3.03 -13.09
N HIS A 120 -3.90 1.88 -13.24
CA HIS A 120 -4.06 0.79 -12.25
C HIS A 120 -2.88 0.85 -11.31
N PHE A 121 -3.15 1.27 -10.10
CA PHE A 121 -2.17 1.56 -9.06
C PHE A 121 -2.07 0.35 -8.13
N ILE A 122 -0.88 -0.20 -7.96
CA ILE A 122 -0.72 -1.41 -7.14
C ILE A 122 0.32 -1.10 -6.09
N PHE A 123 -0.05 -1.31 -4.81
CA PHE A 123 0.85 -0.98 -3.70
C PHE A 123 0.57 -1.99 -2.61
N VAL A 124 1.40 -3.04 -2.57
CA VAL A 124 1.15 -4.17 -1.64
C VAL A 124 2.44 -4.91 -1.38
N SER A 125 2.49 -5.63 -0.27
CA SER A 125 3.54 -6.62 0.13
C SER A 125 3.81 -6.53 1.61
N ALA A 126 3.62 -5.39 2.27
CA ALA A 126 4.02 -5.24 3.67
C ALA A 126 3.37 -6.34 4.49
N ASN A 127 2.10 -6.64 4.30
CA ASN A 127 1.40 -7.62 5.18
C ASN A 127 1.91 -9.04 4.92
N ASP A 128 2.53 -9.29 3.78
CA ASP A 128 3.15 -10.63 3.56
C ASP A 128 4.23 -10.79 4.66
N PHE A 129 5.03 -9.76 4.86
CA PHE A 129 6.09 -9.73 5.88
C PHE A 129 5.52 -9.65 7.28
N PHE A 130 4.55 -8.78 7.55
CA PHE A 130 4.05 -8.66 8.92
C PHE A 130 3.43 -9.98 9.34
N GLU A 131 2.67 -10.66 8.50
CA GLU A 131 2.02 -11.94 8.88
C GLU A 131 3.10 -12.97 9.13
N HIS A 132 4.13 -13.03 8.33
CA HIS A 132 5.19 -14.03 8.49
C HIS A 132 5.85 -13.80 9.85
N GLU A 133 6.15 -12.56 10.20
CA GLU A 133 6.88 -12.28 11.44
C GLU A 133 5.97 -12.51 12.61
N ASP A 134 4.74 -12.08 12.56
CA ASP A 134 3.83 -12.08 13.74
C ASP A 134 3.38 -13.50 14.04
N PHE A 135 3.28 -14.38 13.07
CA PHE A 135 2.72 -15.74 13.22
C PHE A 135 3.78 -16.79 12.91
N ALA A 136 5.06 -16.47 12.94
CA ALA A 136 6.14 -17.46 12.88
C ALA A 136 6.01 -18.28 11.59
N GLY A 137 5.92 -17.62 10.45
CA GLY A 137 6.05 -18.32 9.17
C GLY A 137 7.38 -19.04 9.07
N GLU A 138 7.39 -20.22 8.43
CA GLU A 138 8.63 -21.07 8.32
C GLU A 138 9.36 -20.84 6.98
N GLN A 139 8.71 -20.25 5.98
CA GLN A 139 9.30 -19.84 4.67
C GLN A 139 10.52 -18.97 4.96
N PRO A 140 11.70 -19.23 4.38
CA PRO A 140 12.78 -18.26 4.40
C PRO A 140 12.36 -16.91 3.78
N LEU A 141 12.89 -15.81 4.27
CA LEU A 141 12.41 -14.48 3.79
C LEU A 141 12.66 -14.33 2.31
N GLU A 142 13.71 -14.90 1.74
CA GLU A 142 13.98 -14.74 0.30
C GLU A 142 12.89 -15.45 -0.49
N GLN A 143 12.34 -16.55 0.01
CA GLN A 143 11.23 -17.26 -0.66
C GLN A 143 9.93 -16.43 -0.48
N LEU A 144 9.70 -15.87 0.70
CA LEU A 144 8.52 -15.03 0.93
C LEU A 144 8.59 -13.87 -0.07
N ALA A 145 9.73 -13.24 -0.24
CA ALA A 145 9.87 -12.11 -1.17
C ALA A 145 9.52 -12.62 -2.56
N GLY A 146 10.08 -13.78 -2.98
CA GLY A 146 9.78 -14.30 -4.33
C GLY A 146 8.27 -14.51 -4.49
N SER A 147 7.57 -14.99 -3.50
CA SER A 147 6.10 -15.19 -3.53
CA SER A 147 6.10 -15.18 -3.57
C SER A 147 5.41 -13.82 -3.71
N SER A 148 5.83 -12.82 -2.95
CA SER A 148 5.21 -11.48 -3.06
C SER A 148 5.35 -10.97 -4.48
N VAL A 149 6.54 -11.08 -5.03
CA VAL A 149 6.82 -10.58 -6.41
C VAL A 149 5.99 -11.37 -7.41
N ALA A 150 5.90 -12.69 -7.29
CA ALA A 150 5.12 -13.51 -8.23
C ALA A 150 3.65 -13.11 -8.14
N ASN A 151 3.15 -12.80 -6.94
CA ASN A 151 1.75 -12.42 -6.79
C ASN A 151 1.47 -11.05 -7.44
N ILE A 152 2.38 -10.12 -7.28
CA ILE A 152 2.23 -8.79 -7.91
C ILE A 152 2.27 -8.96 -9.43
N ARG A 153 3.23 -9.73 -9.92
CA ARG A 153 3.33 -9.94 -11.37
C ARG A 153 2.05 -10.57 -11.90
N ALA A 154 1.48 -11.51 -11.17
CA ALA A 154 0.26 -12.19 -11.60
C ALA A 154 -0.89 -11.21 -11.68
N ALA A 155 -1.00 -10.27 -10.74
CA ALA A 155 -2.07 -9.29 -10.75
C ALA A 155 -1.92 -8.39 -11.96
N VAL A 156 -0.72 -7.94 -12.24
CA VAL A 156 -0.50 -7.10 -13.44
C VAL A 156 -0.90 -7.88 -14.68
N GLN A 157 -0.49 -9.16 -14.76
CA GLN A 157 -0.79 -9.96 -15.96
C GLN A 157 -2.30 -10.08 -16.08
N ARG A 158 -3.01 -10.37 -14.99
CA ARG A 158 -4.46 -10.58 -15.07
C ARG A 158 -5.18 -9.28 -15.47
N LEU A 159 -4.77 -8.15 -14.90
CA LEU A 159 -5.37 -6.87 -15.24
C LEU A 159 -5.07 -6.51 -16.70
N GLY A 160 -3.85 -6.79 -17.14
CA GLY A 160 -3.50 -6.56 -18.56
C GLY A 160 -4.34 -7.40 -19.48
N GLU A 161 -4.51 -8.66 -19.15
CA GLU A 161 -5.30 -9.58 -19.99
C GLU A 161 -6.70 -9.05 -20.11
N ALA A 162 -7.27 -8.47 -19.08
CA ALA A 162 -8.63 -7.92 -19.09
C ALA A 162 -8.74 -6.59 -19.80
N GLY A 163 -7.63 -5.94 -20.11
CA GLY A 163 -7.64 -4.69 -20.88
C GLY A 163 -6.84 -3.56 -20.27
N ALA A 164 -6.32 -3.69 -19.06
CA ALA A 164 -5.58 -2.56 -18.47
C ALA A 164 -4.30 -2.33 -19.27
N ARG A 165 -3.95 -1.07 -19.46
CA ARG A 165 -2.76 -0.72 -20.26
C ARG A 165 -1.82 0.17 -19.46
N ARG A 166 -2.27 0.80 -18.39
CA ARG A 166 -1.42 1.75 -17.64
C ARG A 166 -1.40 1.32 -16.17
N PHE A 167 -0.20 1.27 -15.60
CA PHE A 167 0.02 0.84 -14.23
C PHE A 167 1.02 1.74 -13.56
N LEU A 168 0.87 1.85 -12.25
N LEU A 168 0.86 1.86 -12.26
CA LEU A 168 1.88 2.41 -11.35
CA LEU A 168 1.91 2.39 -11.37
C LEU A 168 2.08 1.39 -10.25
C LEU A 168 2.08 1.38 -10.25
N VAL A 169 3.25 0.78 -10.21
CA VAL A 169 3.57 -0.26 -9.24
C VAL A 169 4.50 0.34 -8.22
N VAL A 170 4.11 0.32 -6.95
CA VAL A 170 4.92 0.88 -5.87
C VAL A 170 5.79 -0.23 -5.29
N SER A 171 7.02 0.09 -5.01
CA SER A 171 7.99 -0.82 -4.42
C SER A 171 7.57 -1.22 -3.02
N SER A 172 8.33 -2.15 -2.38
CA SER A 172 8.20 -2.22 -0.92
C SER A 172 8.57 -0.90 -0.28
N THR A 173 7.85 -0.47 0.75
CA THR A 173 8.28 0.65 1.61
C THR A 173 9.51 0.19 2.41
N ASP A 174 10.11 1.13 3.11
CA ASP A 174 11.18 0.84 4.08
C ASP A 174 10.62 0.26 5.35
N LEU A 175 10.36 -1.04 5.28
CA LEU A 175 9.85 -1.76 6.45
C LEU A 175 10.85 -1.72 7.59
N SER A 176 12.13 -1.51 7.29
CA SER A 176 13.18 -1.57 8.33
C SER A 176 13.08 -0.42 9.31
N VAL A 177 12.37 0.68 8.98
CA VAL A 177 12.20 1.83 9.90
C VAL A 177 10.78 1.91 10.43
N VAL A 178 9.94 0.95 10.14
CA VAL A 178 8.57 0.93 10.71
C VAL A 178 8.67 0.74 12.22
N PRO A 179 8.03 1.57 13.04
CA PRO A 179 8.21 1.47 14.49
C PRO A 179 8.00 0.04 15.03
N ALA A 180 6.97 -0.66 14.59
CA ALA A 180 6.70 -2.01 15.13
C ALA A 180 7.87 -2.93 14.78
N VAL A 181 8.48 -2.80 13.65
CA VAL A 181 9.62 -3.64 13.21
C VAL A 181 10.82 -3.32 14.07
N VAL A 182 11.11 -2.05 14.31
CA VAL A 182 12.20 -1.62 15.20
C VAL A 182 11.93 -2.16 16.62
N ALA A 183 10.74 -1.99 17.15
CA ALA A 183 10.43 -2.48 18.52
C ALA A 183 10.55 -3.98 18.56
N GLY A 184 10.25 -4.69 17.49
CA GLY A 184 10.38 -6.16 17.45
C GLY A 184 11.80 -6.61 17.24
N ASN A 185 12.76 -5.72 17.11
CA ASN A 185 14.16 -6.05 16.77
C ASN A 185 14.23 -6.95 15.54
N ARG A 186 13.50 -6.52 14.48
CA ARG A 186 13.41 -7.27 13.19
CA ARG A 186 13.42 -7.26 13.19
C ARG A 186 13.94 -6.42 12.03
N VAL A 187 14.75 -5.43 12.29
CA VAL A 187 15.28 -4.53 11.23
C VAL A 187 16.01 -5.31 10.15
N GLU A 188 16.96 -6.19 10.50
CA GLU A 188 17.75 -6.80 9.42
C GLU A 188 16.86 -7.80 8.65
N ARG A 189 15.88 -8.41 9.26
CA ARG A 189 14.91 -9.31 8.57
CA ARG A 189 14.95 -9.29 8.51
C ARG A 189 14.11 -8.46 7.54
N ALA A 190 13.63 -7.33 8.00
CA ALA A 190 12.87 -6.43 7.11
C ALA A 190 13.76 -6.01 5.96
N GLN A 191 15.01 -5.64 6.19
CA GLN A 191 15.94 -5.24 5.11
CA GLN A 191 15.94 -5.24 5.10
C GLN A 191 16.12 -6.37 4.08
N ARG A 192 16.33 -7.59 4.56
CA ARG A 192 16.54 -8.70 3.61
C ARG A 192 15.30 -8.88 2.76
N TYR A 193 14.13 -8.83 3.38
CA TYR A 193 12.87 -9.02 2.62
C TYR A 193 12.66 -7.88 1.63
N LEU A 194 12.73 -6.65 2.08
CA LEU A 194 12.40 -5.51 1.19
C LEU A 194 13.43 -5.38 0.06
N GLN A 195 14.69 -5.70 0.34
CA GLN A 195 15.68 -5.59 -0.73
C GLN A 195 15.43 -6.68 -1.76
N ALA A 196 15.01 -7.85 -1.38
CA ALA A 196 14.74 -8.93 -2.32
C ALA A 196 13.52 -8.58 -3.18
N VAL A 197 12.45 -8.04 -2.58
CA VAL A 197 11.29 -7.61 -3.38
C VAL A 197 11.75 -6.53 -4.35
N ASN A 198 12.45 -5.53 -3.89
CA ASN A 198 12.76 -4.33 -4.68
C ASN A 198 13.76 -4.65 -5.78
N ALA A 199 14.62 -5.63 -5.60
CA ALA A 199 15.56 -6.03 -6.66
C ALA A 199 14.80 -6.78 -7.76
N SER A 200 13.89 -7.67 -7.39
CA SER A 200 13.25 -8.60 -8.34
C SER A 200 12.06 -7.96 -9.05
N LEU A 201 11.28 -7.10 -8.42
CA LEU A 201 10.05 -6.59 -9.04
C LEU A 201 10.38 -5.82 -10.31
N PRO A 202 11.34 -4.89 -10.37
CA PRO A 202 11.67 -4.23 -11.64
C PRO A 202 12.03 -5.20 -12.77
N ILE A 203 12.60 -6.35 -12.45
CA ILE A 203 12.95 -7.37 -13.51
C ILE A 203 11.64 -7.94 -14.07
N GLN A 204 10.67 -8.23 -13.21
CA GLN A 204 9.36 -8.72 -13.63
C GLN A 204 8.67 -7.61 -14.45
N LEU A 205 8.78 -6.33 -14.05
CA LEU A 205 8.10 -5.26 -14.83
C LEU A 205 8.69 -5.16 -16.23
N ALA A 206 9.99 -5.36 -16.38
CA ALA A 206 10.61 -5.41 -17.74
C ALA A 206 9.99 -6.52 -18.59
N ALA A 207 9.79 -7.71 -18.07
CA ALA A 207 9.20 -8.83 -18.81
C ALA A 207 7.79 -8.43 -19.25
N LEU A 208 7.01 -7.82 -18.35
CA LEU A 208 5.59 -7.51 -18.62
C LEU A 208 5.48 -6.38 -19.66
N ARG A 209 6.48 -5.50 -19.75
CA ARG A 209 6.46 -4.41 -20.77
C ARG A 209 6.57 -4.97 -22.19
N LYS A 210 6.99 -6.21 -22.36
CA LYS A 210 7.19 -6.83 -23.71
C LYS A 210 5.87 -7.10 -24.40
N THR A 211 4.76 -6.91 -23.71
CA THR A 211 3.45 -7.40 -24.09
C THR A 211 2.45 -6.24 -23.98
N ARG A 212 1.47 -6.16 -24.87
CA ARG A 212 0.26 -5.30 -24.76
C ARG A 212 0.62 -3.80 -24.72
N GLY A 213 1.86 -3.40 -25.02
CA GLY A 213 2.31 -1.99 -24.95
C GLY A 213 2.09 -1.45 -23.55
N LEU A 214 2.22 -2.29 -22.55
CA LEU A 214 1.86 -1.86 -21.18
C LEU A 214 2.80 -0.71 -20.79
N GLU A 215 2.20 0.30 -20.19
CA GLU A 215 2.95 1.36 -19.48
C GLU A 215 3.04 0.97 -18.01
N LEU A 216 4.18 0.52 -17.57
CA LEU A 216 4.38 -0.02 -16.21
C LEU A 216 5.34 0.88 -15.49
N SER A 217 4.84 1.87 -14.79
CA SER A 217 5.69 2.80 -14.05
C SER A 217 6.01 2.24 -12.66
N TRP A 218 7.23 2.47 -12.22
CA TRP A 218 7.73 1.98 -10.93
C TRP A 218 7.96 3.17 -10.02
N PHE A 219 7.39 3.17 -8.85
CA PHE A 219 7.66 4.18 -7.82
C PHE A 219 8.51 3.54 -6.73
N ASP A 220 9.74 3.97 -6.62
CA ASP A 220 10.67 3.47 -5.59
C ASP A 220 10.45 4.21 -4.26
N HIS A 221 9.61 3.65 -3.42
CA HIS A 221 9.23 4.28 -2.16
C HIS A 221 10.42 4.32 -1.21
N LEU A 222 11.34 3.37 -1.33
CA LEU A 222 12.55 3.34 -0.48
C LEU A 222 13.40 4.55 -0.84
N THR A 223 13.63 4.85 -2.11
CA THR A 223 14.43 6.04 -2.52
C THR A 223 13.73 7.29 -1.96
N PHE A 224 12.40 7.34 -2.09
CA PHE A 224 11.59 8.47 -1.62
C PHE A 224 11.79 8.65 -0.12
N SER A 225 11.67 7.61 0.66
CA SER A 225 11.74 7.74 2.13
C SER A 225 13.16 8.05 2.57
N ARG A 226 14.15 7.48 1.89
CA ARG A 226 15.54 7.71 2.33
C ARG A 226 15.82 9.18 2.09
N HIS A 227 15.35 9.77 1.01
CA HIS A 227 15.59 11.18 0.76
C HIS A 227 14.87 12.06 1.77
N LEU A 228 13.63 11.77 2.10
CA LEU A 228 12.88 12.56 3.05
C LEU A 228 13.56 12.44 4.42
N ARG A 229 14.00 11.26 4.85
CA ARG A 229 14.51 11.04 6.22
C ARG A 229 15.94 11.59 6.35
N ARG A 230 16.61 11.72 5.24
CA ARG A 230 17.99 12.31 5.26
C ARG A 230 17.84 13.80 5.31
N ASN A 231 16.78 14.41 4.83
CA ASN A 231 16.61 15.87 4.71
C ASN A 231 15.33 16.30 5.37
N PRO A 232 15.05 15.91 6.65
CA PRO A 232 13.71 16.11 7.17
C PRO A 232 13.28 17.56 7.33
N ALA A 233 14.21 18.41 7.75
CA ALA A 233 13.80 19.83 7.99
C ALA A 233 13.31 20.53 6.71
N ARG A 234 13.82 20.11 5.56
CA ARG A 234 13.44 20.65 4.23
C ARG A 234 11.93 20.45 4.05
N TYR A 235 11.40 19.36 4.63
CA TYR A 235 9.97 19.04 4.46
C TYR A 235 9.18 19.27 5.73
N GLY A 236 9.75 19.89 6.75
CA GLY A 236 9.05 20.23 7.98
C GLY A 236 8.91 19.07 8.96
N LEU A 237 9.65 17.98 8.75
CA LEU A 237 9.58 16.89 9.72
C LEU A 237 10.64 17.02 10.83
N VAL A 238 10.33 16.54 12.01
CA VAL A 238 11.29 16.53 13.15
C VAL A 238 11.42 15.13 13.73
N GLU A 239 10.31 14.44 13.95
CA GLU A 239 10.35 13.16 14.66
C GLU A 239 10.15 12.00 13.67
N LEU A 240 11.22 11.28 13.39
CA LEU A 240 11.19 10.26 12.33
C LEU A 240 10.86 8.84 12.82
N ASP A 241 10.92 8.60 14.13
CA ASP A 241 10.87 7.23 14.64
C ASP A 241 9.70 6.99 15.58
N ALA A 242 9.33 7.92 16.42
CA ALA A 242 8.26 7.67 17.42
C ALA A 242 6.90 7.88 16.76
N PRO A 243 5.92 7.03 17.05
CA PRO A 243 4.57 7.26 16.54
C PRO A 243 3.95 8.52 17.17
N CYS A 244 3.24 9.30 16.41
CA CYS A 244 2.45 10.41 16.93
CA CYS A 244 2.37 10.41 16.87
C CYS A 244 1.34 9.85 17.82
N GLN A 245 0.74 8.74 17.43
CA GLN A 245 -0.43 8.12 18.09
C GLN A 245 -0.03 6.72 18.50
N PRO A 246 0.56 6.53 19.69
CA PRO A 246 0.88 5.19 20.15
C PRO A 246 -0.36 4.35 20.32
N THR A 247 -0.25 3.07 20.02
CA THR A 247 -1.32 2.08 20.22
C THR A 247 -0.81 0.85 20.95
N GLN A 248 0.51 0.64 21.03
CA GLN A 248 1.13 -0.58 21.61
C GLN A 248 1.99 -0.19 22.80
N PRO A 249 1.84 -0.83 23.99
CA PRO A 249 0.84 -1.87 24.21
C PRO A 249 -0.58 -1.33 24.39
N SER A 250 -0.74 -0.03 24.64
CA SER A 250 -2.08 0.59 24.68
C SER A 250 -2.07 1.97 24.06
N VAL A 251 -3.27 2.50 23.86
CA VAL A 251 -3.47 3.80 23.21
C VAL A 251 -3.08 4.89 24.20
N ARG A 252 -2.29 5.84 23.74
CA ARG A 252 -1.91 7.05 24.52
C ARG A 252 -2.30 8.28 23.75
N PRO A 253 -2.43 9.45 24.37
CA PRO A 253 -2.84 10.65 23.66
C PRO A 253 -1.86 10.97 22.53
N ALA A 254 -2.40 11.42 21.41
CA ALA A 254 -1.63 11.81 20.22
C ALA A 254 -0.78 13.02 20.54
N CYS A 255 0.36 13.12 19.86
CA CYS A 255 1.26 14.29 19.80
CA CYS A 255 1.24 14.31 19.89
C CYS A 255 0.52 15.54 19.33
N ALA A 256 1.00 16.71 19.75
CA ALA A 256 0.36 18.00 19.44
C ALA A 256 0.73 18.49 18.03
N ASN A 257 1.82 17.96 17.46
CA ASN A 257 2.39 18.49 16.20
C ASN A 257 2.49 17.36 15.14
N PRO A 258 1.37 16.73 14.75
CA PRO A 258 1.47 15.56 13.86
C PRO A 258 2.09 15.84 12.52
N ASP A 259 2.01 17.04 11.96
CA ASP A 259 2.65 17.30 10.66
C ASP A 259 4.18 17.34 10.75
N GLN A 260 4.72 17.26 11.94
CA GLN A 260 6.18 17.15 12.13
C GLN A 260 6.62 15.70 12.35
N TYR A 261 5.71 14.75 12.25
CA TYR A 261 6.01 13.33 12.49
C TYR A 261 5.97 12.55 11.20
N TYR A 262 6.87 11.59 11.06
CA TYR A 262 6.83 10.62 9.97
C TYR A 262 5.73 9.59 10.20
N PHE A 263 5.62 9.02 11.38
CA PHE A 263 4.72 7.88 11.62
C PHE A 263 3.53 8.36 12.44
N TRP A 264 2.36 7.89 12.06
CA TRP A 264 1.12 8.08 12.81
C TRP A 264 1.07 7.05 13.90
N ASP A 265 0.97 5.77 13.60
CA ASP A 265 0.99 4.68 14.61
C ASP A 265 2.26 3.86 14.37
N GLU A 266 2.30 2.62 14.85
CA GLU A 266 3.52 1.80 14.78
C GLU A 266 3.78 1.25 13.38
N TRP A 267 2.86 1.44 12.42
CA TRP A 267 3.02 0.82 11.11
C TRP A 267 2.85 1.81 9.97
N HIS A 268 2.20 2.94 10.18
CA HIS A 268 1.64 3.72 9.08
C HIS A 268 2.14 5.15 9.14
N PRO A 269 2.46 5.75 8.01
CA PRO A 269 2.91 7.14 7.97
C PRO A 269 1.74 8.08 8.26
N THR A 270 2.13 9.29 8.65
CA THR A 270 1.20 10.38 8.82
C THR A 270 0.70 10.92 7.46
N ARG A 271 -0.33 11.75 7.56
CA ARG A 271 -0.88 12.45 6.39
C ARG A 271 0.19 13.28 5.69
N ARG A 272 1.14 13.82 6.45
CA ARG A 272 2.18 14.63 5.85
C ARG A 272 3.08 13.80 4.93
N VAL A 273 3.49 12.62 5.39
CA VAL A 273 4.30 11.72 4.54
C VAL A 273 3.47 11.20 3.36
N HIS A 274 2.20 10.83 3.60
CA HIS A 274 1.34 10.46 2.45
C HIS A 274 1.23 11.57 1.43
N GLN A 275 1.17 12.81 1.88
N GLN A 275 1.18 12.79 1.89
CA GLN A 275 1.08 13.97 0.96
CA GLN A 275 1.08 13.94 0.97
C GLN A 275 2.36 14.03 0.13
C GLN A 275 2.35 14.03 0.14
N LEU A 276 3.50 13.96 0.78
CA LEU A 276 4.78 14.04 0.07
C LEU A 276 4.94 12.85 -0.89
N ALA A 277 4.50 11.67 -0.48
CA ALA A 277 4.59 10.51 -1.37
C ALA A 277 3.67 10.69 -2.58
N GLY A 278 2.44 11.12 -2.38
CA GLY A 278 1.52 11.27 -3.50
C GLY A 278 2.02 12.36 -4.43
N GLU A 279 2.59 13.42 -3.91
CA GLU A 279 3.15 14.48 -4.80
C GLU A 279 4.32 13.92 -5.60
N ALA A 280 5.17 13.10 -5.00
CA ALA A 280 6.30 12.49 -5.69
C ALA A 280 5.81 11.54 -6.79
N MET A 281 4.76 10.76 -6.50
CA MET A 281 4.18 9.84 -7.49
C MET A 281 3.60 10.66 -8.64
N ALA A 282 2.96 11.75 -8.36
CA ALA A 282 2.26 12.54 -9.39
C ALA A 282 3.27 13.27 -10.27
N ALA A 283 4.49 13.45 -9.84
CA ALA A 283 5.46 14.28 -10.61
C ALA A 283 5.78 13.63 -11.97
N ARG A 284 5.50 12.36 -12.20
CA ARG A 284 5.83 11.71 -13.47
C ARG A 284 4.75 11.93 -14.52
N TYR A 285 3.59 12.46 -14.18
CA TYR A 285 2.43 12.58 -15.05
C TYR A 285 2.15 14.05 -15.40
N ALA A 286 1.70 14.26 -16.62
CA ALA A 286 1.13 15.57 -16.99
C ALA A 286 -0.20 15.77 -16.33
N ARG A 287 -0.61 17.01 -16.10
CA ARG A 287 -1.95 17.33 -15.62
C ARG A 287 -2.99 17.23 -16.75
C ACT B . -1.06 -2.51 6.30
O ACT B . -1.13 -2.24 7.51
OXT ACT B . -2.05 -2.89 5.64
CH3 ACT B . 0.28 -2.43 5.61
SD ETM C . -1.81 -5.61 14.76
C1 ETM C . -1.77 -4.60 13.26
C2 ETM C . -0.94 -5.19 12.14
N1 ETM C . -1.13 -4.59 10.76
C3 ETM C . -2.20 -5.28 9.96
C4 ETM C . 0.16 -4.68 9.99
C5 ETM C . -1.49 -3.15 10.88
C1 GOL D . 5.32 -5.69 13.16
O1 GOL D . 3.98 -5.68 13.66
C2 GOL D . 5.86 -7.10 13.04
O2 GOL D . 5.12 -7.78 12.06
C3 GOL D . 7.34 -7.17 12.78
O3 GOL D . 8.02 -6.62 13.91
CL CL E . -14.68 7.22 11.33
O1 P6G F . -9.52 16.96 13.83
C2 P6G F . -9.54 16.39 12.50
C3 P6G F . -8.22 15.68 12.12
O4 P6G F . -8.09 14.50 12.93
C5 P6G F . -7.07 13.56 12.52
C6 P6G F . -7.00 12.33 13.48
O7 P6G F . -8.26 11.61 13.56
C8 P6G F . -8.51 10.79 14.75
C9 P6G F . -9.78 11.19 15.55
O10 P6G F . -10.91 10.31 15.42
C11 P6G F . -12.23 10.86 15.72
C12 P6G F . -12.36 11.42 17.15
O13 P6G F . -13.73 11.50 17.63
C14 P6G F . -13.88 11.66 19.05
C15 P6G F . -14.01 10.31 19.75
O16 P6G F . -12.79 9.88 20.38
C17 P6G F . -13.00 8.83 21.35
C18 P6G F . -12.14 7.59 21.08
O19 P6G F . -10.91 7.64 21.83
SD ETM G . -3.70 -2.96 8.85
C1 ETM G . -2.45 -4.23 8.66
C2 ETM G . -2.29 -5.09 9.91
N1 ETM G . -1.20 -4.61 10.84
C3 ETM G . -1.18 -3.13 10.82
C4 ETM G . 0.09 -5.11 10.32
C5 ETM G . -1.39 -5.09 12.24
#